data_8T5O
#
_entry.id   8T5O
#
_cell.length_a   1.00
_cell.length_b   1.00
_cell.length_c   1.00
_cell.angle_alpha   90.00
_cell.angle_beta   90.00
_cell.angle_gamma   90.00
#
_symmetry.space_group_name_H-M   'P 1'
#
loop_
_entity.id
_entity.type
_entity.pdbx_description
1 polymer 'RNA Device 43'
2 non-polymer TETRACYCLINE
3 non-polymer 'MAGNESIUM ION'
4 water water
#
_entity_poly.entity_id   1
_entity_poly.type   'polyribonucleotide'
_entity_poly.pdbx_seq_one_letter_code
;GUGAGGUGCAGGUACAUCCAGCUGAUGAGUCCCAAAUAGGACAAAAAGGGAGAGGUGAAGAAUACGACCACCUAGGCUCG
AAAGAGCCUAAAACAUACCUUUCCUGGAUUCCACUGCUAUCCAC
;
_entity_poly.pdbx_strand_id   A
#
loop_
_chem_comp.id
_chem_comp.type
_chem_comp.name
_chem_comp.formula
A RNA linking ADENOSINE-5'-MONOPHOSPHATE 'C10 H14 N5 O7 P'
C RNA linking CYTIDINE-5'-MONOPHOSPHATE 'C9 H14 N3 O8 P'
G RNA linking GUANOSINE-5'-MONOPHOSPHATE 'C10 H14 N5 O8 P'
MG non-polymer 'MAGNESIUM ION' 'Mg 2'
TAC non-polymer TETRACYCLINE 'C22 H24 N2 O8'
U RNA linking URIDINE-5'-MONOPHOSPHATE 'C9 H13 N2 O9 P'
#
# COMPACT_ATOMS: atom_id res chain seq x y z
C1 TAC B . -2.38 -1.21 -3.01
O1 TAC B . -2.51 -1.90 -2.01
C2 TAC B . -1.84 -1.69 -4.12
C21 TAC B . -1.71 -3.12 -4.36
O21 TAC B . -0.78 -3.49 -5.06
N21 TAC B . -2.57 -3.98 -3.83
C3 TAC B . -1.41 -0.82 -5.03
O3 TAC B . -1.39 -1.18 -6.31
C4 TAC B . -0.92 0.55 -4.64
N4 TAC B . -1.06 1.45 -5.82
C42 TAC B . -0.30 2.69 -5.60
C43 TAC B . -2.45 1.76 -6.17
C41 TAC B . -1.63 1.07 -3.39
C5 TAC B . -0.64 1.08 -2.24
C51 TAC B . -1.23 1.63 -0.95
C6 TAC B . -0.34 1.28 0.25
C62 TAC B . 1.07 1.83 0.07
O6 TAC B . -0.26 -0.15 0.35
C61 TAC B . -0.98 1.81 1.51
C7 TAC B . -0.22 2.32 2.57
C8 TAC B . -0.87 2.80 3.71
C9 TAC B . -2.25 2.75 3.80
C10 TAC B . -2.99 2.24 2.75
O10 TAC B . -4.34 2.19 2.83
C1A TAC B . -2.35 1.76 1.62
C11 TAC B . -3.15 1.21 0.49
O11 TAC B . -4.31 0.85 0.68
C1B TAC B . -2.63 1.12 -0.72
C12 TAC B . -3.38 0.61 -1.68
O12 TAC B . -4.68 0.43 -1.44
C1C TAC B . -2.84 0.22 -3.03
O1C TAC B . -3.87 0.39 -4.01
HN21 TAC B . -3.33 -3.66 -3.26
HN22 TAC B . -2.46 -4.96 -4.01
H4 TAC B . 0.15 0.46 -4.40
H421 TAC B . -0.29 3.25 -6.51
H422 TAC B . 0.69 2.46 -5.32
H423 TAC B . -0.76 3.28 -4.85
H431 TAC B . -2.48 2.27 -7.09
H432 TAC B . -2.90 2.36 -5.42
H433 TAC B . -3.01 0.86 -6.26
H41 TAC B . -1.98 2.10 -3.54
H51A TAC B . 0.20 1.71 -2.54
H52 TAC B . -0.26 0.07 -2.07
H51 TAC B . -1.26 2.72 -1.02
H621 TAC B . 1.70 1.46 0.84
H622 TAC B . 1.05 2.89 0.11
H623 TAC B . 1.48 1.52 -0.85
HO6 TAC B . 0.30 -0.39 1.10
H7 TAC B . 0.86 2.38 2.53
H8 TAC B . -0.28 3.20 4.53
H9 TAC B . -2.75 3.12 4.69
HOC TAC B . -4.61 -0.21 -3.81
MG MG C . -5.98 0.74 -0.20
MG MG D . -7.54 7.32 12.39
MG MG E . -10.19 9.24 4.41
MG MG F . 44.20 -27.06 0.83
MG MG G . 41.58 -23.10 -3.06
MG MG H . 35.20 -22.23 -3.59
MG MG I . -14.64 24.75 10.38
MG MG J . 25.46 -26.48 13.74
MG MG K . -11.30 7.61 13.67
MG MG L . -4.97 -2.10 11.80
MG MG M . -8.13 9.62 12.58
MG MG N . 17.31 -34.02 11.75
MG MG O . -0.12 -6.66 11.58
MG MG P . -9.39 37.95 16.94
MG MG Q . -10.35 1.01 -13.29
#